data_1N9U
#
_entry.id   1N9U
#
_entity_poly.entity_id   1
_entity_poly.type   'polypeptide(L)'
_entity_poly.pdbx_seq_one_letter_code
;DRVYIHPFHL
;
_entity_poly.pdbx_strand_id   A
#
# COMPACT_ATOMS: atom_id res chain seq x y z
N ASP A 1 4.28 6.25 7.63
CA ASP A 1 5.49 6.00 6.81
C ASP A 1 5.25 4.76 5.96
N ARG A 2 5.00 4.94 4.66
CA ARG A 2 4.85 3.83 3.73
C ARG A 2 5.45 4.29 2.41
N VAL A 3 6.48 3.59 1.93
CA VAL A 3 7.09 3.85 0.63
C VAL A 3 6.13 3.45 -0.49
N TYR A 4 5.22 2.53 -0.19
CA TYR A 4 4.28 2.00 -1.14
C TYR A 4 3.00 1.71 -0.39
N ILE A 5 1.91 2.33 -0.81
CA ILE A 5 0.56 2.12 -0.30
C ILE A 5 -0.18 1.32 -1.34
N HIS A 6 -1.17 0.55 -0.89
CA HIS A 6 -2.15 -0.03 -1.77
C HIS A 6 -3.52 0.13 -1.11
N PRO A 7 -4.56 0.46 -1.87
CA PRO A 7 -5.93 0.31 -1.40
C PRO A 7 -6.34 -1.15 -1.32
N PHE A 8 -5.61 -2.00 -2.04
CA PHE A 8 -5.95 -3.39 -2.23
C PHE A 8 -4.77 -4.03 -2.93
N HIS A 9 -4.14 -5.00 -2.25
CA HIS A 9 -3.06 -5.84 -2.74
C HIS A 9 -3.26 -7.15 -2.00
N LEU A 10 -4.44 -7.74 -2.19
CA LEU A 10 -4.87 -8.96 -1.53
C LEU A 10 -5.27 -9.92 -2.65
N ASP A 1 6.05 6.02 8.00
CA ASP A 1 5.25 6.30 6.78
C ASP A 1 5.14 5.02 5.98
N ARG A 2 4.70 5.08 4.72
CA ARG A 2 4.77 3.95 3.81
C ARG A 2 5.49 4.44 2.56
N VAL A 3 6.42 3.65 2.04
CA VAL A 3 7.05 3.90 0.75
C VAL A 3 6.12 3.47 -0.38
N TYR A 4 5.17 2.60 -0.08
CA TYR A 4 4.25 2.06 -1.04
C TYR A 4 2.94 1.83 -0.31
N ILE A 5 1.83 2.27 -0.90
CA ILE A 5 0.49 2.07 -0.40
C ILE A 5 -0.23 1.25 -1.43
N HIS A 6 -1.23 0.50 -0.97
CA HIS A 6 -2.19 -0.13 -1.85
C HIS A 6 -3.57 0.06 -1.24
N PRO A 7 -4.58 0.39 -2.04
CA PRO A 7 -5.96 0.27 -1.61
C PRO A 7 -6.38 -1.18 -1.47
N PHE A 8 -5.64 -2.06 -2.14
CA PHE A 8 -5.97 -3.45 -2.29
C PHE A 8 -4.77 -4.12 -2.93
N HIS A 9 -4.16 -5.06 -2.22
CA HIS A 9 -3.07 -5.92 -2.68
C HIS A 9 -3.32 -7.23 -1.96
N LEU A 10 -4.51 -7.78 -2.16
CA LEU A 10 -4.94 -9.04 -1.59
C LEU A 10 -5.41 -9.92 -2.74
N ASP A 1 6.05 6.02 8.00
CA ASP A 1 5.25 6.30 6.78
C ASP A 1 5.14 5.02 5.98
N ARG A 2 4.70 5.08 4.72
CA ARG A 2 4.77 3.95 3.81
C ARG A 2 5.49 4.44 2.56
N VAL A 3 6.42 3.65 2.04
CA VAL A 3 7.05 3.90 0.75
C VAL A 3 6.12 3.47 -0.38
N TYR A 4 5.17 2.60 -0.08
CA TYR A 4 4.25 2.06 -1.04
C TYR A 4 2.94 1.83 -0.31
N ILE A 5 1.83 2.27 -0.90
CA ILE A 5 0.49 2.07 -0.40
C ILE A 5 -0.23 1.25 -1.43
N HIS A 6 -1.23 0.50 -0.97
CA HIS A 6 -2.19 -0.13 -1.85
C HIS A 6 -3.57 0.06 -1.24
N PRO A 7 -4.58 0.39 -2.04
CA PRO A 7 -5.96 0.27 -1.61
C PRO A 7 -6.38 -1.18 -1.47
N PHE A 8 -5.64 -2.06 -2.14
CA PHE A 8 -5.97 -3.45 -2.29
C PHE A 8 -4.77 -4.12 -2.93
N HIS A 9 -4.16 -5.06 -2.22
CA HIS A 9 -3.07 -5.92 -2.68
C HIS A 9 -3.32 -7.23 -1.96
N LEU A 10 -4.51 -7.78 -2.16
CA LEU A 10 -4.94 -9.04 -1.59
C LEU A 10 -5.41 -9.92 -2.74
N ASP A 1 4.09 6.20 7.58
CA ASP A 1 5.32 6.03 6.80
C ASP A 1 5.18 4.79 5.93
N ARG A 2 4.97 4.96 4.62
CA ARG A 2 4.93 3.85 3.68
C ARG A 2 5.60 4.34 2.41
N VAL A 3 6.59 3.59 1.89
CA VAL A 3 7.14 3.84 0.56
C VAL A 3 6.12 3.40 -0.50
N TYR A 4 5.23 2.47 -0.16
CA TYR A 4 4.28 1.93 -1.10
C TYR A 4 2.99 1.65 -0.34
N ILE A 5 1.92 2.29 -0.80
CA ILE A 5 0.56 2.11 -0.30
C ILE A 5 -0.19 1.33 -1.35
N HIS A 6 -1.17 0.58 -0.90
CA HIS A 6 -2.18 0.03 -1.78
C HIS A 6 -3.53 0.18 -1.09
N PRO A 7 -4.58 0.49 -1.84
CA PRO A 7 -5.94 0.33 -1.36
C PRO A 7 -6.31 -1.14 -1.23
N PHE A 8 -5.58 -1.98 -1.94
CA PHE A 8 -5.92 -3.36 -2.17
C PHE A 8 -4.72 -4.00 -2.84
N HIS A 9 -4.15 -5.00 -2.19
CA HIS A 9 -3.05 -5.82 -2.69
C HIS A 9 -3.26 -7.15 -1.99
N LEU A 10 -4.39 -7.79 -2.31
CA LEU A 10 -4.88 -8.98 -1.65
C LEU A 10 -5.32 -9.95 -2.73
N ASP A 1 4.21 6.34 7.57
CA ASP A 1 5.43 6.02 6.84
C ASP A 1 5.20 4.78 5.99
N ARG A 2 5.01 4.93 4.68
CA ARG A 2 4.86 3.81 3.79
C ARG A 2 5.45 4.21 2.44
N VAL A 3 6.44 3.48 1.94
CA VAL A 3 7.07 3.77 0.64
C VAL A 3 6.12 3.40 -0.49
N TYR A 4 5.20 2.47 -0.24
CA TYR A 4 4.27 1.97 -1.23
C TYR A 4 2.98 1.67 -0.49
N ILE A 5 1.90 2.34 -0.89
CA ILE A 5 0.57 2.14 -0.37
C ILE A 5 -0.17 1.31 -1.40
N HIS A 6 -1.18 0.59 -0.93
CA HIS A 6 -2.18 0.03 -1.80
C HIS A 6 -3.52 0.19 -1.10
N PRO A 7 -4.58 0.49 -1.86
CA PRO A 7 -5.94 0.33 -1.37
C PRO A 7 -6.32 -1.14 -1.23
N PHE A 8 -5.59 -1.99 -1.94
CA PHE A 8 -5.94 -3.36 -2.14
C PHE A 8 -4.73 -4.01 -2.82
N HIS A 9 -4.14 -4.98 -2.15
CA HIS A 9 -3.03 -5.78 -2.66
C HIS A 9 -3.22 -7.13 -1.98
N LEU A 10 -4.37 -7.75 -2.26
CA LEU A 10 -4.83 -8.96 -1.62
C LEU A 10 -5.24 -9.92 -2.74
N ASP A 1 4.09 6.74 6.91
CA ASP A 1 5.36 6.00 6.99
C ASP A 1 5.33 4.76 6.09
N ARG A 2 5.10 4.95 4.78
CA ARG A 2 4.99 3.81 3.88
C ARG A 2 5.53 4.25 2.52
N VAL A 3 6.48 3.51 1.97
CA VAL A 3 7.08 3.81 0.67
C VAL A 3 6.12 3.46 -0.45
N TYR A 4 5.22 2.52 -0.21
CA TYR A 4 4.29 2.04 -1.21
C TYR A 4 3.00 1.70 -0.46
N ILE A 5 1.91 2.35 -0.86
CA ILE A 5 0.58 2.11 -0.31
C ILE A 5 -0.17 1.29 -1.33
N HIS A 6 -1.14 0.53 -0.85
CA HIS A 6 -2.15 -0.05 -1.71
C HIS A 6 -3.49 0.09 -1.02
N PRO A 7 -4.54 0.43 -1.76
CA PRO A 7 -5.91 0.28 -1.28
C PRO A 7 -6.30 -1.19 -1.19
N PHE A 8 -5.60 -2.02 -1.93
CA PHE A 8 -5.94 -3.40 -2.14
C PHE A 8 -4.74 -4.03 -2.85
N HIS A 9 -4.14 -5.03 -2.22
CA HIS A 9 -3.07 -5.85 -2.74
C HIS A 9 -3.29 -7.20 -2.09
N LEU A 10 -4.48 -7.75 -2.33
CA LEU A 10 -4.94 -9.00 -1.75
C LEU A 10 -5.45 -9.86 -2.90
N ASP A 1 5.15 6.16 8.17
CA ASP A 1 5.42 6.41 6.74
C ASP A 1 5.29 5.10 5.98
N ARG A 2 5.01 5.14 4.67
CA ARG A 2 4.87 3.94 3.89
C ARG A 2 5.32 4.26 2.47
N VAL A 3 6.35 3.55 1.98
CA VAL A 3 6.98 3.81 0.68
C VAL A 3 6.06 3.38 -0.45
N TYR A 4 5.16 2.44 -0.17
CA TYR A 4 4.26 1.91 -1.16
C TYR A 4 2.95 1.63 -0.45
N ILE A 5 1.89 2.30 -0.88
CA ILE A 5 0.54 2.11 -0.39
C ILE A 5 -0.19 1.27 -1.40
N HIS A 6 -1.20 0.55 -0.93
CA HIS A 6 -2.17 -0.06 -1.80
C HIS A 6 -3.54 0.11 -1.16
N PRO A 7 -4.57 0.43 -1.94
CA PRO A 7 -5.94 0.31 -1.50
C PRO A 7 -6.35 -1.15 -1.36
N PHE A 8 -5.62 -2.01 -2.05
CA PHE A 8 -5.97 -3.41 -2.22
C PHE A 8 -4.76 -4.06 -2.88
N HIS A 9 -4.17 -5.04 -2.20
CA HIS A 9 -3.07 -5.87 -2.67
C HIS A 9 -3.32 -7.20 -1.97
N LEU A 10 -4.49 -7.78 -2.25
CA LEU A 10 -4.95 -9.02 -1.68
C LEU A 10 -5.21 -9.96 -2.83
N ASP A 1 5.99 5.91 8.00
CA ASP A 1 5.26 6.27 6.77
C ASP A 1 5.10 5.02 5.93
N ARG A 2 4.79 5.14 4.63
CA ARG A 2 4.68 4.02 3.73
C ARG A 2 5.32 4.42 2.41
N VAL A 3 6.39 3.73 2.01
CA VAL A 3 7.03 3.90 0.71
C VAL A 3 6.09 3.45 -0.38
N TYR A 4 5.19 2.52 -0.05
CA TYR A 4 4.26 1.95 -0.99
C TYR A 4 2.96 1.68 -0.25
N ILE A 5 1.88 2.24 -0.78
CA ILE A 5 0.52 2.07 -0.33
C ILE A 5 -0.19 1.23 -1.39
N HIS A 6 -1.21 0.50 -0.95
CA HIS A 6 -2.18 -0.06 -1.85
C HIS A 6 -3.55 0.12 -1.21
N PRO A 7 -4.58 0.44 -2.01
CA PRO A 7 -5.95 0.31 -1.57
C PRO A 7 -6.37 -1.15 -1.45
N PHE A 8 -5.62 -2.01 -2.12
CA PHE A 8 -5.98 -3.40 -2.33
C PHE A 8 -4.76 -4.06 -2.96
N HIS A 9 -4.20 -5.04 -2.25
CA HIS A 9 -3.10 -5.88 -2.69
C HIS A 9 -3.34 -7.19 -1.92
N LEU A 10 -4.46 -7.83 -2.25
CA LEU A 10 -4.95 -9.02 -1.59
C LEU A 10 -5.24 -10.04 -2.68
N ASP A 1 4.26 6.23 7.74
CA ASP A 1 5.39 6.12 6.79
C ASP A 1 5.21 4.88 5.96
N ARG A 2 4.96 5.02 4.65
CA ARG A 2 4.92 3.88 3.74
C ARG A 2 5.60 4.33 2.45
N VAL A 3 6.53 3.54 1.93
CA VAL A 3 7.16 3.80 0.64
C VAL A 3 6.22 3.39 -0.50
N TYR A 4 5.25 2.55 -0.18
CA TYR A 4 4.29 2.03 -1.14
C TYR A 4 3.00 1.82 -0.36
N ILE A 5 1.89 2.30 -0.92
CA ILE A 5 0.56 2.10 -0.38
C ILE A 5 -0.21 1.28 -1.40
N HIS A 6 -1.17 0.53 -0.90
CA HIS A 6 -2.16 -0.09 -1.75
C HIS A 6 -3.52 0.10 -1.09
N PRO A 7 -4.56 0.45 -1.85
CA PRO A 7 -5.93 0.32 -1.38
C PRO A 7 -6.34 -1.13 -1.26
N PHE A 8 -5.62 -2.00 -1.96
CA PHE A 8 -5.97 -3.38 -2.14
C PHE A 8 -4.78 -4.03 -2.83
N HIS A 9 -4.18 -5.01 -2.16
CA HIS A 9 -3.10 -5.85 -2.66
C HIS A 9 -3.35 -7.17 -1.96
N LEU A 10 -4.48 -7.79 -2.30
CA LEU A 10 -4.97 -9.00 -1.70
C LEU A 10 -5.20 -9.98 -2.85
N ASP A 1 4.55 5.80 8.08
CA ASP A 1 5.23 6.10 6.81
C ASP A 1 5.13 4.86 5.93
N ARG A 2 4.93 5.01 4.62
CA ARG A 2 4.86 3.91 3.67
C ARG A 2 5.49 4.38 2.37
N VAL A 3 6.51 3.65 1.89
CA VAL A 3 7.13 3.87 0.59
C VAL A 3 6.18 3.44 -0.52
N TYR A 4 5.24 2.54 -0.20
CA TYR A 4 4.30 2.01 -1.15
C TYR A 4 3.01 1.82 -0.38
N ILE A 5 1.92 2.34 -0.92
CA ILE A 5 0.57 2.17 -0.41
C ILE A 5 -0.16 1.31 -1.41
N HIS A 6 -1.15 0.57 -0.92
CA HIS A 6 -2.14 -0.05 -1.77
C HIS A 6 -3.50 0.15 -1.13
N PRO A 7 -4.53 0.46 -1.93
CA PRO A 7 -5.91 0.33 -1.49
C PRO A 7 -6.32 -1.12 -1.34
N PHE A 8 -5.58 -1.99 -2.02
CA PHE A 8 -5.93 -3.37 -2.19
C PHE A 8 -4.71 -4.04 -2.82
N HIS A 9 -4.16 -5.03 -2.12
CA HIS A 9 -3.07 -5.88 -2.55
C HIS A 9 -3.37 -7.21 -1.86
N LEU A 10 -4.49 -7.81 -2.24
CA LEU A 10 -5.02 -9.00 -1.61
C LEU A 10 -5.29 -10.00 -2.73
N ASP A 1 5.82 5.84 8.12
CA ASP A 1 5.35 6.27 6.79
C ASP A 1 5.24 5.04 5.91
N ARG A 2 4.78 5.15 4.66
CA ARG A 2 4.68 4.02 3.74
C ARG A 2 5.34 4.42 2.42
N VAL A 3 6.38 3.67 2.03
CA VAL A 3 7.05 3.85 0.74
C VAL A 3 6.13 3.43 -0.39
N TYR A 4 5.19 2.55 -0.08
CA TYR A 4 4.25 2.00 -1.01
C TYR A 4 2.94 1.82 -0.26
N ILE A 5 1.86 2.25 -0.88
CA ILE A 5 0.50 2.09 -0.39
C ILE A 5 -0.22 1.25 -1.43
N HIS A 6 -1.23 0.52 -0.97
CA HIS A 6 -2.19 -0.12 -1.84
C HIS A 6 -3.57 0.10 -1.24
N PRO A 7 -4.57 0.42 -2.05
CA PRO A 7 -5.96 0.32 -1.64
C PRO A 7 -6.39 -1.13 -1.48
N PHE A 8 -5.65 -2.02 -2.13
CA PHE A 8 -5.98 -3.41 -2.28
C PHE A 8 -4.76 -4.08 -2.90
N HIS A 9 -4.19 -5.04 -2.18
CA HIS A 9 -3.09 -5.89 -2.61
C HIS A 9 -3.35 -7.19 -1.88
N LEU A 10 -4.48 -7.81 -2.22
CA LEU A 10 -5.00 -9.02 -1.60
C LEU A 10 -5.15 -10.04 -2.73
N ASP A 1 5.88 6.24 8.05
CA ASP A 1 5.31 6.46 6.70
C ASP A 1 5.33 5.16 5.93
N ARG A 2 4.87 5.18 4.68
CA ARG A 2 4.74 3.99 3.87
C ARG A 2 5.31 4.32 2.48
N VAL A 3 6.33 3.59 2.04
CA VAL A 3 6.95 3.82 0.74
C VAL A 3 6.01 3.37 -0.38
N TYR A 4 5.12 2.42 -0.09
CA TYR A 4 4.22 1.88 -1.07
C TYR A 4 2.91 1.58 -0.36
N ILE A 5 1.85 2.29 -0.78
CA ILE A 5 0.50 2.10 -0.32
C ILE A 5 -0.19 1.24 -1.35
N HIS A 6 -1.23 0.53 -0.91
CA HIS A 6 -2.18 -0.07 -1.82
C HIS A 6 -3.55 0.11 -1.21
N PRO A 7 -4.58 0.42 -2.01
CA PRO A 7 -5.95 0.30 -1.58
C PRO A 7 -6.35 -1.15 -1.42
N PHE A 8 -5.61 -2.03 -2.07
CA PHE A 8 -5.95 -3.42 -2.23
C PHE A 8 -4.72 -4.07 -2.86
N HIS A 9 -4.16 -5.05 -2.15
CA HIS A 9 -3.05 -5.89 -2.61
C HIS A 9 -3.35 -7.23 -1.95
N LEU A 10 -4.47 -7.82 -2.34
CA LEU A 10 -4.98 -9.05 -1.79
C LEU A 10 -5.29 -9.97 -2.96
N ASP A 1 4.61 5.96 8.02
CA ASP A 1 5.35 6.10 6.75
C ASP A 1 5.17 4.83 5.94
N ARG A 2 4.90 4.95 4.63
CA ARG A 2 4.88 3.82 3.72
C ARG A 2 5.53 4.31 2.43
N VAL A 3 6.49 3.54 1.91
CA VAL A 3 7.10 3.80 0.61
C VAL A 3 6.16 3.37 -0.51
N TYR A 4 5.18 2.52 -0.19
CA TYR A 4 4.23 2.00 -1.13
C TYR A 4 2.93 1.79 -0.38
N ILE A 5 1.86 2.38 -0.89
CA ILE A 5 0.50 2.20 -0.40
C ILE A 5 -0.21 1.35 -1.42
N HIS A 6 -1.20 0.60 -0.96
CA HIS A 6 -2.17 -0.03 -1.82
C HIS A 6 -3.54 0.17 -1.19
N PRO A 7 -4.57 0.47 -1.97
CA PRO A 7 -5.94 0.36 -1.52
C PRO A 7 -6.35 -1.10 -1.37
N PHE A 8 -5.61 -1.98 -2.02
CA PHE A 8 -5.95 -3.37 -2.18
C PHE A 8 -4.74 -4.04 -2.82
N HIS A 9 -4.15 -4.99 -2.11
CA HIS A 9 -3.04 -5.84 -2.57
C HIS A 9 -3.29 -7.15 -1.85
N LEU A 10 -4.42 -7.77 -2.18
CA LEU A 10 -4.88 -9.01 -1.58
C LEU A 10 -5.09 -9.99 -2.72
N ASP A 1 4.17 6.54 7.06
CA ASP A 1 5.43 5.79 6.96
C ASP A 1 5.30 4.60 6.01
N ARG A 2 4.98 4.86 4.74
CA ARG A 2 4.86 3.81 3.75
C ARG A 2 5.48 4.31 2.45
N VAL A 3 6.47 3.59 1.95
CA VAL A 3 7.13 3.86 0.68
C VAL A 3 6.19 3.49 -0.47
N TYR A 4 5.25 2.60 -0.19
CA TYR A 4 4.30 2.06 -1.12
C TYR A 4 3.03 1.86 -0.33
N ILE A 5 1.90 2.31 -0.88
CA ILE A 5 0.58 2.10 -0.31
C ILE A 5 -0.20 1.32 -1.35
N HIS A 6 -1.16 0.55 -0.88
CA HIS A 6 -2.16 -0.04 -1.74
C HIS A 6 -3.51 0.13 -1.07
N PRO A 7 -4.56 0.46 -1.83
CA PRO A 7 -5.92 0.32 -1.37
C PRO A 7 -6.32 -1.15 -1.27
N PHE A 8 -5.61 -1.99 -1.99
CA PHE A 8 -5.96 -3.37 -2.21
C PHE A 8 -4.75 -4.02 -2.88
N HIS A 9 -4.18 -5.02 -2.22
CA HIS A 9 -3.08 -5.84 -2.71
C HIS A 9 -3.29 -7.17 -2.01
N LEU A 10 -4.46 -7.77 -2.24
CA LEU A 10 -4.91 -8.98 -1.60
C LEU A 10 -5.25 -9.95 -2.72
N ASP A 1 4.48 6.17 7.88
CA ASP A 1 5.41 6.09 6.75
C ASP A 1 5.12 4.84 5.95
N ARG A 2 4.90 4.95 4.64
CA ARG A 2 4.90 3.81 3.73
C ARG A 2 5.60 4.30 2.46
N VAL A 3 6.53 3.51 1.93
CA VAL A 3 7.16 3.80 0.65
C VAL A 3 6.21 3.42 -0.48
N TYR A 4 5.24 2.56 -0.19
CA TYR A 4 4.28 2.06 -1.14
C TYR A 4 3.00 1.85 -0.35
N ILE A 5 1.88 2.30 -0.93
CA ILE A 5 0.55 2.13 -0.39
C ILE A 5 -0.22 1.32 -1.41
N HIS A 6 -1.20 0.56 -0.93
CA HIS A 6 -2.19 -0.04 -1.79
C HIS A 6 -3.54 0.14 -1.13
N PRO A 7 -4.58 0.47 -1.90
CA PRO A 7 -5.95 0.34 -1.45
C PRO A 7 -6.36 -1.12 -1.32
N PHE A 8 -5.64 -1.99 -2.01
CA PHE A 8 -5.99 -3.37 -2.18
C PHE A 8 -4.80 -4.04 -2.85
N HIS A 9 -4.19 -4.99 -2.16
CA HIS A 9 -3.12 -5.83 -2.65
C HIS A 9 -3.31 -7.15 -1.91
N LEU A 10 -4.43 -7.80 -2.24
CA LEU A 10 -4.89 -9.03 -1.62
C LEU A 10 -5.11 -10.02 -2.74
N ASP A 1 4.37 6.30 7.70
CA ASP A 1 5.49 6.09 6.77
C ASP A 1 5.23 4.82 5.97
N ARG A 2 4.95 4.94 4.67
CA ARG A 2 4.90 3.79 3.77
C ARG A 2 5.56 4.24 2.48
N VAL A 3 6.49 3.45 1.95
CA VAL A 3 7.14 3.73 0.67
C VAL A 3 6.21 3.35 -0.48
N TYR A 4 5.21 2.51 -0.19
CA TYR A 4 4.25 2.02 -1.13
C TYR A 4 2.96 1.85 -0.35
N ILE A 5 1.85 2.31 -0.92
CA ILE A 5 0.52 2.13 -0.39
C ILE A 5 -0.24 1.32 -1.42
N HIS A 6 -1.22 0.58 -0.93
CA HIS A 6 -2.22 -0.02 -1.80
C HIS A 6 -3.57 0.15 -1.12
N PRO A 7 -4.62 0.47 -1.89
CA PRO A 7 -5.97 0.33 -1.41
C PRO A 7 -6.38 -1.13 -1.30
N PHE A 8 -5.66 -1.99 -2.00
CA PHE A 8 -6.00 -3.37 -2.19
C PHE A 8 -4.81 -4.02 -2.88
N HIS A 9 -4.19 -4.98 -2.21
CA HIS A 9 -3.09 -5.79 -2.70
C HIS A 9 -3.24 -7.10 -1.95
N LEU A 10 -4.37 -7.77 -2.23
CA LEU A 10 -4.80 -8.98 -1.58
C LEU A 10 -5.04 -9.98 -2.69
N ASP A 1 4.07 6.31 7.43
CA ASP A 1 5.40 5.96 6.90
C ASP A 1 5.28 4.72 6.03
N ARG A 2 4.95 4.88 4.74
CA ARG A 2 5.02 3.77 3.79
C ARG A 2 5.64 4.29 2.51
N VAL A 3 6.55 3.53 1.92
CA VAL A 3 7.16 3.85 0.63
C VAL A 3 6.21 3.46 -0.49
N TYR A 4 5.23 2.61 -0.19
CA TYR A 4 4.28 2.09 -1.14
C TYR A 4 2.99 1.86 -0.36
N ILE A 5 1.88 2.32 -0.93
CA ILE A 5 0.55 2.12 -0.39
C ILE A 5 -0.22 1.33 -1.43
N HIS A 6 -1.18 0.55 -0.95
CA HIS A 6 -2.19 -0.03 -1.80
C HIS A 6 -3.53 0.13 -1.12
N PRO A 7 -4.58 0.47 -1.86
CA PRO A 7 -5.94 0.33 -1.37
C PRO A 7 -6.34 -1.14 -1.25
N PHE A 8 -5.63 -1.99 -1.97
CA PHE A 8 -5.98 -3.38 -2.18
C PHE A 8 -4.79 -4.01 -2.87
N HIS A 9 -4.20 -5.02 -2.23
CA HIS A 9 -3.12 -5.84 -2.74
C HIS A 9 -3.25 -7.17 -2.02
N LEU A 10 -4.40 -7.80 -2.26
CA LEU A 10 -4.85 -8.98 -1.54
C LEU A 10 -5.27 -9.99 -2.60
N ASP A 1 5.99 6.13 8.08
CA ASP A 1 5.33 6.41 6.79
C ASP A 1 5.30 5.14 5.98
N ARG A 2 4.87 5.19 4.70
CA ARG A 2 4.75 4.01 3.87
C ARG A 2 5.31 4.35 2.50
N VAL A 3 6.34 3.61 2.05
CA VAL A 3 6.97 3.84 0.76
C VAL A 3 6.03 3.41 -0.37
N TYR A 4 5.12 2.48 -0.09
CA TYR A 4 4.22 1.94 -1.08
C TYR A 4 2.91 1.65 -0.38
N ILE A 5 1.84 2.32 -0.81
CA ILE A 5 0.49 2.11 -0.35
C ILE A 5 -0.21 1.28 -1.39
N HIS A 6 -1.21 0.53 -0.95
CA HIS A 6 -2.17 -0.07 -1.84
C HIS A 6 -3.54 0.08 -1.22
N PRO A 7 -4.57 0.40 -2.01
CA PRO A 7 -5.94 0.27 -1.57
C PRO A 7 -6.36 -1.18 -1.45
N PHE A 8 -5.61 -2.05 -2.12
CA PHE A 8 -5.96 -3.44 -2.30
C PHE A 8 -4.75 -4.10 -2.94
N HIS A 9 -4.18 -5.08 -2.26
CA HIS A 9 -3.08 -5.91 -2.72
C HIS A 9 -3.32 -7.25 -2.02
N LEU A 10 -4.51 -7.81 -2.26
CA LEU A 10 -4.97 -9.03 -1.62
C LEU A 10 -5.34 -9.99 -2.74
N ASP A 1 4.23 6.26 7.61
CA ASP A 1 5.45 5.99 6.84
C ASP A 1 5.24 4.76 5.98
N ARG A 2 5.01 4.95 4.67
CA ARG A 2 4.89 3.85 3.72
C ARG A 2 5.54 4.32 2.43
N VAL A 3 6.52 3.56 1.92
CA VAL A 3 7.12 3.81 0.62
C VAL A 3 6.16 3.42 -0.49
N TYR A 4 5.23 2.52 -0.17
CA TYR A 4 4.27 2.01 -1.11
C TYR A 4 2.98 1.81 -0.33
N ILE A 5 1.89 2.29 -0.89
CA ILE A 5 0.55 2.12 -0.36
C ILE A 5 -0.22 1.32 -1.40
N HIS A 6 -1.20 0.57 -0.92
CA HIS A 6 -2.19 -0.02 -1.78
C HIS A 6 -3.54 0.14 -1.10
N PRO A 7 -4.58 0.48 -1.86
CA PRO A 7 -5.95 0.32 -1.39
C PRO A 7 -6.35 -1.13 -1.30
N PHE A 8 -5.61 -1.99 -2.00
CA PHE A 8 -5.95 -3.37 -2.21
C PHE A 8 -4.75 -4.01 -2.88
N HIS A 9 -4.16 -5.00 -2.20
CA HIS A 9 -3.06 -5.83 -2.69
C HIS A 9 -3.29 -7.15 -1.96
N LEU A 10 -4.42 -7.78 -2.25
CA LEU A 10 -4.87 -8.99 -1.60
C LEU A 10 -5.23 -9.97 -2.69
N ASP A 1 6.06 5.85 8.16
CA ASP A 1 5.35 6.20 6.93
C ASP A 1 5.39 4.99 6.01
N ARG A 2 4.84 5.03 4.79
CA ARG A 2 4.71 3.85 3.95
C ARG A 2 5.14 4.21 2.53
N VAL A 3 6.21 3.57 2.04
CA VAL A 3 6.86 3.86 0.76
C VAL A 3 5.95 3.45 -0.40
N TYR A 4 5.05 2.52 -0.14
CA TYR A 4 4.16 2.01 -1.15
C TYR A 4 2.85 1.69 -0.46
N ILE A 5 1.79 2.38 -0.90
CA ILE A 5 0.44 2.14 -0.42
C ILE A 5 -0.26 1.33 -1.49
N HIS A 6 -1.25 0.57 -1.07
CA HIS A 6 -2.21 -0.02 -1.97
C HIS A 6 -3.57 0.10 -1.31
N PRO A 7 -4.62 0.42 -2.07
CA PRO A 7 -5.98 0.24 -1.61
C PRO A 7 -6.34 -1.23 -1.50
N PHE A 8 -5.60 -2.05 -2.22
CA PHE A 8 -5.94 -3.44 -2.47
C PHE A 8 -4.73 -4.09 -3.14
N HIS A 9 -4.12 -5.06 -2.46
CA HIS A 9 -2.99 -5.85 -2.93
C HIS A 9 -3.06 -7.19 -2.19
N LEU A 10 -4.28 -7.68 -1.94
CA LEU A 10 -4.52 -8.89 -1.18
C LEU A 10 -5.61 -9.67 -1.91
N ASP A 1 4.56 6.03 8.14
CA ASP A 1 5.17 6.24 6.81
C ASP A 1 4.96 4.99 5.98
N ARG A 2 4.85 5.11 4.66
CA ARG A 2 4.80 3.97 3.77
C ARG A 2 5.52 4.37 2.48
N VAL A 3 6.46 3.56 2.00
CA VAL A 3 7.09 3.79 0.69
C VAL A 3 6.12 3.39 -0.42
N TYR A 4 5.18 2.50 -0.13
CA TYR A 4 4.26 1.97 -1.10
C TYR A 4 2.95 1.72 -0.39
N ILE A 5 1.87 2.33 -0.87
CA ILE A 5 0.52 2.15 -0.37
C ILE A 5 -0.21 1.33 -1.42
N HIS A 6 -1.19 0.58 -0.95
CA HIS A 6 -2.19 -0.02 -1.81
C HIS A 6 -3.54 0.16 -1.12
N PRO A 7 -4.59 0.46 -1.89
CA PRO A 7 -5.96 0.32 -1.42
C PRO A 7 -6.34 -1.14 -1.28
N PHE A 8 -5.62 -2.00 -1.99
CA PHE A 8 -5.98 -3.37 -2.19
C PHE A 8 -4.76 -4.03 -2.85
N HIS A 9 -4.25 -5.07 -2.21
CA HIS A 9 -3.12 -5.86 -2.68
C HIS A 9 -3.33 -7.23 -2.04
N LEU A 10 -4.46 -7.84 -2.35
CA LEU A 10 -4.96 -9.02 -1.67
C LEU A 10 -5.35 -10.03 -2.74
#